data_4B0Z
#
_entry.id   4B0Z
#
_cell.length_a   41.780
_cell.length_b   91.380
_cell.length_c   143.340
_cell.angle_alpha   90.00
_cell.angle_beta   90.00
_cell.angle_gamma   90.00
#
_symmetry.space_group_name_H-M   'P 21 21 21'
#
loop_
_entity.id
_entity.type
_entity.pdbx_description
1 polymer '26S PROTEASOME REGULATORY SUBUNIT RPN12'
2 non-polymer 'NITRATE ION'
3 non-polymer MONOTHIOGLYCEROL
4 non-polymer GLYCEROL
5 water water
#
_entity_poly.entity_id   1
_entity_poly.type   'polypeptide(L)'
_entity_poly.pdbx_seq_one_letter_code
;GPLGSMSTLDLNHLADLYDRKDWNACKKELLKLKVELAKQNLFVPTSDKEKASFARNVFEYGVLVSIQTCDIESFARYAS
QVIPFYHDSLVPSSRMGLVTGLNLLYLLSENRIAEFHTALESVPDKSLFERDPYVEWVISLEQNVMEGAFDKVASMIRSC
NFPEFSYFMKIVMSMVRNEIATCAEKVYSEIPLSNATSLLYLENTKETEKLAEERGWDIRDGVIYFPKE
;
_entity_poly.pdbx_strand_id   A,B
#
# COMPACT_ATOMS: atom_id res chain seq x y z
N GLY A 1 29.48 -7.92 43.66
CA GLY A 1 28.84 -7.27 42.48
C GLY A 1 27.85 -8.20 41.81
N PRO A 2 27.19 -7.75 40.73
CA PRO A 2 26.14 -8.55 40.08
C PRO A 2 26.59 -9.95 39.70
N LEU A 3 27.88 -10.16 39.50
CA LEU A 3 28.34 -11.48 39.09
C LEU A 3 28.87 -12.35 40.24
N GLY A 4 29.29 -11.73 41.33
CA GLY A 4 29.99 -12.49 42.36
C GLY A 4 30.46 -11.66 43.53
N SER A 5 30.50 -12.27 44.71
CA SER A 5 30.73 -11.55 45.95
C SER A 5 31.93 -10.58 45.96
N MET A 6 33.07 -11.04 45.48
CA MET A 6 34.27 -10.22 45.58
C MET A 6 34.53 -9.52 44.25
N SER A 7 33.64 -9.67 43.28
CA SER A 7 33.86 -9.08 41.95
C SER A 7 33.86 -7.52 41.91
N THR A 8 34.77 -6.94 41.14
CA THR A 8 34.85 -5.46 40.98
C THR A 8 34.34 -5.07 39.55
N LEU A 9 33.67 -6.01 38.90
CA LEU A 9 33.19 -5.81 37.51
C LEU A 9 31.70 -5.49 37.53
N ASP A 10 31.36 -4.27 37.11
CA ASP A 10 29.96 -3.90 37.05
C ASP A 10 29.84 -2.90 35.90
N LEU A 11 28.66 -2.31 35.76
CA LEU A 11 28.40 -1.39 34.64
C LEU A 11 28.71 0.08 34.92
N ASN A 12 29.24 0.42 36.07
CA ASN A 12 29.43 1.83 36.37
C ASN A 12 30.41 2.50 35.43
N HIS A 13 31.49 1.82 35.04
CA HIS A 13 32.48 2.46 34.16
C HIS A 13 31.84 2.66 32.78
N LEU A 14 31.14 1.66 32.26
CA LEU A 14 30.49 1.79 30.94
C LEU A 14 29.50 2.94 30.97
N ALA A 15 28.80 3.12 32.09
CA ALA A 15 27.73 4.13 32.21
C ALA A 15 28.40 5.49 32.19
N ASP A 16 29.56 5.62 32.83
CA ASP A 16 30.39 6.84 32.78
C ASP A 16 30.86 7.15 31.37
N LEU A 17 31.45 6.14 30.71
CA LEU A 17 31.95 6.31 29.36
C LEU A 17 30.83 6.71 28.43
N TYR A 18 29.64 6.17 28.62
CA TYR A 18 28.51 6.44 27.75
C TYR A 18 28.10 7.92 27.90
N ASP A 19 28.01 8.38 29.13
N ASP A 19 28.04 8.39 29.12
CA ASP A 19 27.64 9.79 29.38
CA ASP A 19 27.67 9.79 29.32
C ASP A 19 28.76 10.76 28.96
C ASP A 19 28.74 10.72 28.76
N ARG A 20 29.99 10.29 28.83
CA ARG A 20 31.13 11.05 28.30
C ARG A 20 31.14 11.03 26.76
N LYS A 21 30.24 10.25 26.16
CA LYS A 21 30.28 10.00 24.69
C LYS A 21 31.60 9.51 24.16
N ASP A 22 32.36 8.75 24.96
CA ASP A 22 33.59 8.16 24.54
C ASP A 22 33.25 6.80 23.90
N TRP A 23 32.78 6.86 22.70
CA TRP A 23 32.24 5.67 22.04
C TRP A 23 33.30 4.59 21.82
N ASN A 24 34.53 4.93 21.45
CA ASN A 24 35.56 3.92 21.26
C ASN A 24 35.84 3.17 22.58
N ALA A 25 35.89 3.91 23.68
CA ALA A 25 36.10 3.29 25.00
C ALA A 25 34.88 2.44 25.31
N CYS A 26 33.69 2.93 25.02
CA CYS A 26 32.48 2.12 25.25
C CYS A 26 32.58 0.77 24.53
N LYS A 27 33.02 0.77 23.27
CA LYS A 27 33.11 -0.48 22.50
C LYS A 27 34.09 -1.47 23.16
N LYS A 28 35.22 -0.99 23.64
N LYS A 28 35.20 -0.96 23.69
CA LYS A 28 36.15 -1.88 24.27
CA LYS A 28 36.19 -1.80 24.32
C LYS A 28 35.47 -2.44 25.54
C LYS A 28 35.66 -2.38 25.63
N GLU A 29 34.90 -1.55 26.35
CA GLU A 29 34.26 -1.99 27.61
C GLU A 29 33.17 -3.03 27.33
N LEU A 30 32.38 -2.86 26.27
CA LEU A 30 31.34 -3.82 25.86
C LEU A 30 31.96 -5.15 25.56
N LEU A 31 33.10 -5.19 24.89
CA LEU A 31 33.76 -6.46 24.57
C LEU A 31 34.23 -7.14 25.85
N LYS A 32 34.83 -6.37 26.74
CA LYS A 32 35.26 -6.87 28.06
C LYS A 32 34.08 -7.51 28.78
N LEU A 33 32.95 -6.81 28.85
CA LEU A 33 31.78 -7.26 29.55
C LEU A 33 31.23 -8.52 28.89
N LYS A 34 31.14 -8.56 27.56
CA LYS A 34 30.63 -9.73 26.84
C LYS A 34 31.53 -10.94 27.06
N VAL A 35 32.83 -10.75 27.17
CA VAL A 35 33.76 -11.86 27.47
C VAL A 35 33.36 -12.45 28.83
N GLU A 36 33.12 -11.60 29.82
CA GLU A 36 32.72 -12.09 31.14
C GLU A 36 31.36 -12.75 31.10
N LEU A 37 30.41 -12.27 30.29
CA LEU A 37 29.11 -12.91 30.12
C LEU A 37 29.34 -14.32 29.55
N ALA A 38 30.24 -14.45 28.60
CA ALA A 38 30.52 -15.77 28.03
C ALA A 38 31.07 -16.69 29.09
N LYS A 39 31.98 -16.20 29.91
CA LYS A 39 32.63 -17.05 30.94
C LYS A 39 31.57 -17.54 31.93
N GLN A 40 30.50 -16.78 32.13
N GLN A 40 30.50 -16.77 32.12
CA GLN A 40 29.50 -17.14 33.14
CA GLN A 40 29.47 -17.04 33.13
C GLN A 40 28.19 -17.66 32.54
C GLN A 40 28.19 -17.65 32.54
N ASN A 41 28.19 -17.97 31.24
CA ASN A 41 27.01 -18.50 30.59
C ASN A 41 25.79 -17.61 30.68
N LEU A 42 25.99 -16.31 30.46
CA LEU A 42 24.91 -15.35 30.57
C LEU A 42 24.46 -14.63 29.28
N PHE A 43 24.86 -15.14 28.13
CA PHE A 43 24.29 -14.59 26.90
C PHE A 43 22.80 -14.87 26.76
N VAL A 44 22.38 -16.02 27.26
CA VAL A 44 21.00 -16.49 27.16
C VAL A 44 20.34 -16.15 28.46
N PRO A 45 19.11 -15.64 28.42
CA PRO A 45 18.42 -15.26 29.67
C PRO A 45 18.29 -16.43 30.62
N THR A 46 18.40 -16.07 31.90
CA THR A 46 18.35 -17.03 33.01
C THR A 46 17.28 -16.54 33.97
N SER A 47 16.77 -17.44 34.82
CA SER A 47 15.74 -17.10 35.80
C SER A 47 16.33 -16.33 36.98
N ASP A 48 17.66 -16.32 37.06
CA ASP A 48 18.39 -15.54 38.05
C ASP A 48 18.30 -14.08 37.62
N LYS A 49 17.40 -13.31 38.22
CA LYS A 49 17.07 -11.99 37.70
C LYS A 49 18.22 -11.01 37.85
N GLU A 50 19.01 -11.14 38.90
CA GLU A 50 20.18 -10.29 39.13
C GLU A 50 21.14 -10.40 37.93
N LYS A 51 21.44 -11.63 37.58
CA LYS A 51 22.40 -11.87 36.51
C LYS A 51 21.75 -11.54 35.17
N ALA A 52 20.48 -11.88 34.99
CA ALA A 52 19.80 -11.68 33.68
C ALA A 52 19.73 -10.18 33.48
N SER A 53 19.42 -9.43 34.52
CA SER A 53 19.37 -7.95 34.39
C SER A 53 20.70 -7.36 33.99
N PHE A 54 21.79 -7.87 34.51
CA PHE A 54 23.13 -7.40 34.23
C PHE A 54 23.43 -7.65 32.72
N ALA A 55 23.15 -8.85 32.25
CA ALA A 55 23.41 -9.26 30.86
C ALA A 55 22.53 -8.39 29.91
N ARG A 56 21.25 -8.30 30.19
CA ARG A 56 20.31 -7.43 29.48
C ARG A 56 20.87 -5.99 29.39
N ASN A 57 21.37 -5.45 30.49
CA ASN A 57 21.86 -4.10 30.52
C ASN A 57 23.08 -3.91 29.61
N VAL A 58 23.97 -4.87 29.59
N VAL A 58 23.97 -4.89 29.56
CA VAL A 58 25.13 -4.86 28.69
CA VAL A 58 25.14 -4.77 28.68
C VAL A 58 24.64 -4.77 27.28
C VAL A 58 24.73 -4.83 27.21
N PHE A 59 23.70 -5.61 26.87
CA PHE A 59 23.18 -5.64 25.51
C PHE A 59 22.46 -4.33 25.19
N GLU A 60 21.76 -3.73 26.18
CA GLU A 60 21.07 -2.43 25.94
C GLU A 60 22.09 -1.35 25.62
N TYR A 61 23.17 -1.33 26.35
CA TYR A 61 24.23 -0.33 26.09
C TYR A 61 24.78 -0.62 24.66
N GLY A 62 24.88 -1.88 24.31
CA GLY A 62 25.34 -2.25 22.97
C GLY A 62 24.46 -1.66 21.89
N VAL A 63 23.14 -1.74 22.04
CA VAL A 63 22.16 -1.15 21.12
C VAL A 63 22.51 0.32 20.96
N LEU A 64 22.63 1.01 22.08
CA LEU A 64 22.79 2.47 22.11
C LEU A 64 24.13 2.86 21.53
N VAL A 65 25.21 2.21 21.92
CA VAL A 65 26.53 2.54 21.41
C VAL A 65 26.58 2.26 19.91
N SER A 66 25.93 1.22 19.45
CA SER A 66 25.98 0.85 18.04
C SER A 66 25.31 1.93 17.21
N ILE A 67 24.20 2.44 17.68
N ILE A 67 24.16 2.43 17.66
CA ILE A 67 23.50 3.46 16.86
CA ILE A 67 23.52 3.53 16.94
C ILE A 67 24.31 4.76 16.95
C ILE A 67 24.44 4.72 16.92
N GLN A 68 24.96 5.08 18.08
CA GLN A 68 25.80 6.31 18.22
C GLN A 68 27.02 6.28 17.28
N THR A 69 27.42 5.06 16.86
CA THR A 69 28.66 4.88 16.05
C THR A 69 28.21 4.44 14.63
N CYS A 70 26.95 4.63 14.27
CA CYS A 70 26.47 4.49 12.91
C CYS A 70 26.60 3.09 12.36
N ASP A 71 26.46 2.14 13.26
CA ASP A 71 26.77 0.73 12.97
C ASP A 71 25.51 -0.11 13.09
N ILE A 72 24.78 -0.26 11.99
CA ILE A 72 23.49 -0.93 11.98
C ILE A 72 23.66 -2.44 12.13
N GLU A 73 24.77 -3.00 11.66
CA GLU A 73 24.94 -4.47 11.78
C GLU A 73 25.06 -4.79 13.27
N SER A 74 25.84 -4.01 14.00
N SER A 74 25.86 -4.01 13.99
CA SER A 74 26.02 -4.30 15.43
CA SER A 74 26.06 -4.21 15.43
C SER A 74 24.73 -3.97 16.15
C SER A 74 24.80 -3.87 16.23
N PHE A 75 24.08 -2.85 15.79
CA PHE A 75 22.81 -2.51 16.37
C PHE A 75 21.80 -3.68 16.29
N ALA A 76 21.66 -4.27 15.14
CA ALA A 76 20.66 -5.30 14.90
C ALA A 76 21.02 -6.55 15.68
N ARG A 77 22.32 -6.76 15.82
CA ARG A 77 22.84 -7.94 16.54
C ARG A 77 22.44 -7.77 18.01
N TYR A 78 22.83 -6.64 18.57
CA TYR A 78 22.52 -6.39 19.98
C TYR A 78 21.01 -6.37 20.25
N ALA A 79 20.22 -5.83 19.34
CA ALA A 79 18.77 -5.80 19.49
C ALA A 79 18.24 -7.23 19.56
N SER A 80 18.80 -8.12 18.76
CA SER A 80 18.33 -9.52 18.72
C SER A 80 18.70 -10.21 20.03
N GLN A 81 19.74 -9.74 20.67
CA GLN A 81 20.21 -10.32 21.94
C GLN A 81 19.40 -9.78 23.11
N VAL A 82 19.01 -8.53 23.06
CA VAL A 82 18.37 -7.92 24.22
C VAL A 82 16.90 -8.28 24.31
N ILE A 83 16.18 -8.35 23.21
CA ILE A 83 14.75 -8.45 23.31
C ILE A 83 14.29 -9.73 24.05
N PRO A 84 14.98 -10.87 23.88
CA PRO A 84 14.56 -12.07 24.64
C PRO A 84 14.58 -11.87 26.15
N PHE A 85 15.40 -10.94 26.64
CA PHE A 85 15.42 -10.64 28.08
C PHE A 85 14.15 -9.94 28.49
N TYR A 86 13.50 -9.25 27.57
CA TYR A 86 12.31 -8.48 27.84
C TYR A 86 11.11 -9.43 27.92
N HIS A 87 11.19 -10.55 27.24
CA HIS A 87 10.08 -11.47 27.18
C HIS A 87 10.34 -12.51 28.28
N ASP A 88 10.30 -12.00 29.53
CA ASP A 88 10.32 -12.67 30.87
C ASP A 88 9.86 -11.61 31.93
N SER A 89 10.31 -11.64 33.21
CA SER A 89 9.75 -10.67 34.19
C SER A 89 10.70 -9.72 34.98
N LEU A 90 11.77 -9.26 34.33
CA LEU A 90 12.66 -8.30 34.96
C LEU A 90 12.01 -6.94 35.10
N VAL A 91 12.49 -6.16 36.07
CA VAL A 91 12.08 -4.77 36.21
C VAL A 91 12.79 -3.97 35.11
N PRO A 92 12.02 -3.31 34.22
CA PRO A 92 12.68 -2.59 33.12
C PRO A 92 13.67 -1.52 33.57
N SER A 93 14.75 -1.40 32.81
CA SER A 93 15.71 -0.38 33.03
C SER A 93 15.23 0.95 32.42
N SER A 94 15.98 2.00 32.72
CA SER A 94 15.71 3.35 32.21
C SER A 94 15.89 3.42 30.68
N ARG A 95 16.52 2.38 30.10
CA ARG A 95 16.79 2.35 28.64
C ARG A 95 15.75 1.57 27.83
N MET A 96 14.86 0.84 28.48
N MET A 96 14.86 0.84 28.48
CA MET A 96 14.00 -0.08 27.79
CA MET A 96 14.00 -0.09 27.76
C MET A 96 13.08 0.63 26.76
C MET A 96 13.08 0.63 26.76
N GLY A 97 12.55 1.79 27.12
CA GLY A 97 11.66 2.49 26.21
C GLY A 97 12.39 2.90 24.94
N LEU A 98 13.57 3.48 25.13
CA LEU A 98 14.44 3.94 24.01
C LEU A 98 14.85 2.75 23.14
N VAL A 99 15.27 1.64 23.73
CA VAL A 99 15.65 0.45 22.93
C VAL A 99 14.47 -0.10 22.14
N THR A 100 13.29 -0.16 22.79
CA THR A 100 12.11 -0.71 22.14
C THR A 100 11.73 0.22 20.97
N GLY A 101 11.75 1.50 21.24
CA GLY A 101 11.46 2.48 20.19
C GLY A 101 12.45 2.37 19.02
N LEU A 102 13.73 2.25 19.33
CA LEU A 102 14.74 2.12 18.28
C LEU A 102 14.50 0.90 17.41
N ASN A 103 14.18 -0.24 18.02
CA ASN A 103 13.92 -1.45 17.26
C ASN A 103 12.73 -1.23 16.32
N LEU A 104 11.68 -0.60 16.84
CA LEU A 104 10.50 -0.30 16.03
C LEU A 104 10.87 0.66 14.88
N LEU A 105 11.63 1.71 15.18
CA LEU A 105 12.02 2.72 14.20
C LEU A 105 12.88 2.09 13.11
N TYR A 106 13.80 1.21 13.50
CA TYR A 106 14.56 0.43 12.55
C TYR A 106 13.68 -0.37 11.59
N LEU A 107 12.72 -1.15 12.11
CA LEU A 107 11.82 -1.91 11.26
C LEU A 107 11.03 -0.98 10.34
N LEU A 108 10.58 0.17 10.83
CA LEU A 108 9.85 1.12 9.97
C LEU A 108 10.76 1.63 8.86
N SER A 109 12.01 1.97 9.22
CA SER A 109 12.93 2.55 8.25
C SER A 109 13.25 1.56 7.11
N GLU A 110 13.09 0.27 7.39
N GLU A 110 13.12 0.26 7.37
CA GLU A 110 13.37 -0.78 6.42
CA GLU A 110 13.40 -0.73 6.33
C GLU A 110 12.10 -1.26 5.72
C GLU A 110 12.14 -1.16 5.60
N ASN A 111 11.03 -0.49 5.89
CA ASN A 111 9.73 -0.87 5.35
C ASN A 111 9.34 -2.31 5.69
N ARG A 112 9.70 -2.74 6.90
CA ARG A 112 9.34 -4.07 7.37
C ARG A 112 8.09 -3.93 8.23
N ILE A 113 7.00 -3.58 7.57
CA ILE A 113 5.83 -3.11 8.25
C ILE A 113 5.12 -4.26 8.95
N ALA A 114 5.11 -5.44 8.35
CA ALA A 114 4.52 -6.59 9.03
C ALA A 114 5.21 -6.83 10.37
N GLU A 115 6.54 -6.89 10.33
CA GLU A 115 7.34 -7.15 11.51
C GLU A 115 7.21 -6.05 12.55
N PHE A 116 7.05 -4.80 12.10
CA PHE A 116 6.77 -3.69 13.01
C PHE A 116 5.58 -4.05 13.91
N HIS A 117 4.49 -4.50 13.28
CA HIS A 117 3.25 -4.73 14.01
C HIS A 117 3.30 -5.99 14.86
N THR A 118 4.02 -7.01 14.40
CA THR A 118 4.23 -8.21 15.19
C THR A 118 5.04 -7.84 16.42
N ALA A 119 6.02 -6.96 16.24
CA ALA A 119 6.84 -6.51 17.34
C ALA A 119 6.00 -5.76 18.36
N LEU A 120 5.02 -4.98 17.90
CA LEU A 120 4.12 -4.31 18.84
C LEU A 120 3.26 -5.32 19.60
N GLU A 121 2.81 -6.35 18.89
CA GLU A 121 1.96 -7.35 19.53
C GLU A 121 2.75 -8.16 20.57
N SER A 122 4.07 -8.18 20.41
CA SER A 122 4.95 -8.93 21.29
C SER A 122 5.28 -8.19 22.58
N VAL A 123 5.13 -6.88 22.60
CA VAL A 123 5.44 -6.10 23.79
C VAL A 123 4.49 -6.49 24.91
N PRO A 124 5.02 -7.11 25.98
CA PRO A 124 4.20 -7.61 27.10
C PRO A 124 3.29 -6.55 27.70
N ASP A 125 3.87 -5.43 28.10
CA ASP A 125 3.11 -4.34 28.73
C ASP A 125 2.67 -3.26 27.73
N LYS A 126 1.44 -3.38 27.23
CA LYS A 126 0.99 -2.52 26.13
C LYS A 126 0.64 -1.10 26.56
N SER A 127 0.63 -0.85 27.86
CA SER A 127 0.53 0.51 28.35
C SER A 127 1.78 1.31 27.94
N LEU A 128 2.84 0.60 27.58
CA LEU A 128 4.08 1.22 27.14
C LEU A 128 3.81 2.09 25.90
N PHE A 129 2.86 1.65 25.07
CA PHE A 129 2.46 2.41 23.88
C PHE A 129 2.02 3.87 24.15
N GLU A 130 1.50 4.16 25.35
CA GLU A 130 1.11 5.53 25.69
C GLU A 130 2.03 6.17 26.72
N ARG A 131 2.52 5.38 27.67
CA ARG A 131 3.34 5.87 28.77
C ARG A 131 4.73 6.28 28.31
N ASP A 132 5.32 5.52 27.41
CA ASP A 132 6.72 5.78 27.06
C ASP A 132 6.85 6.73 25.87
N PRO A 133 7.57 7.84 26.03
CA PRO A 133 7.65 8.86 24.97
C PRO A 133 8.27 8.33 23.65
N TYR A 134 9.26 7.45 23.77
CA TYR A 134 9.93 6.97 22.56
C TYR A 134 9.01 6.07 21.74
N VAL A 135 8.39 5.10 22.40
CA VAL A 135 7.53 4.14 21.73
C VAL A 135 6.29 4.85 21.16
N GLU A 136 5.75 5.77 21.91
CA GLU A 136 4.54 6.53 21.49
C GLU A 136 4.83 7.34 20.22
N TRP A 137 5.98 8.00 20.20
CA TRP A 137 6.42 8.78 19.01
C TRP A 137 6.59 7.87 17.79
N VAL A 138 7.30 6.74 17.94
CA VAL A 138 7.46 5.87 16.79
C VAL A 138 6.11 5.30 16.28
N ILE A 139 5.21 4.92 17.19
CA ILE A 139 3.93 4.43 16.77
C ILE A 139 3.23 5.49 15.91
N SER A 140 3.27 6.74 16.35
CA SER A 140 2.62 7.86 15.66
C SER A 140 3.26 8.07 14.30
N LEU A 141 4.58 7.91 14.26
CA LEU A 141 5.31 8.07 13.01
C LEU A 141 4.87 7.02 12.00
N GLU A 142 4.78 5.77 12.42
CA GLU A 142 4.47 4.69 11.51
C GLU A 142 3.03 4.84 11.02
N GLN A 143 2.16 5.35 11.89
CA GLN A 143 0.74 5.53 11.53
C GLN A 143 0.66 6.56 10.41
N ASN A 144 1.36 7.67 10.58
CA ASN A 144 1.36 8.73 9.58
C ASN A 144 2.01 8.29 8.27
N VAL A 145 3.03 7.44 8.33
CA VAL A 145 3.62 6.89 7.13
C VAL A 145 2.62 6.00 6.38
N MET A 146 1.89 5.16 7.10
N MET A 146 1.90 5.16 7.11
CA MET A 146 0.99 4.20 6.48
CA MET A 146 0.98 4.20 6.50
C MET A 146 -0.17 4.92 5.82
C MET A 146 -0.17 4.92 5.82
N GLU A 147 -0.67 5.96 6.48
CA GLU A 147 -1.79 6.76 5.97
C GLU A 147 -1.37 7.75 4.90
N GLY A 148 -0.09 7.76 4.53
CA GLY A 148 0.43 8.74 3.57
C GLY A 148 0.30 10.20 3.96
N ALA A 149 0.35 10.47 5.27
CA ALA A 149 0.32 11.83 5.81
C ALA A 149 1.71 12.50 5.76
N PHE A 150 2.12 12.85 4.54
CA PHE A 150 3.50 13.30 4.23
C PHE A 150 3.94 14.48 5.12
N ASP A 151 3.12 15.51 5.22
CA ASP A 151 3.52 16.71 5.95
C ASP A 151 3.61 16.46 7.46
N LYS A 152 2.80 15.55 8.00
CA LYS A 152 2.85 15.19 9.43
C LYS A 152 4.15 14.43 9.72
N VAL A 153 4.49 13.48 8.85
CA VAL A 153 5.77 12.77 8.96
C VAL A 153 6.93 13.76 8.93
N ALA A 154 6.91 14.68 7.98
CA ALA A 154 7.97 15.64 7.85
C ALA A 154 8.07 16.51 9.09
N SER A 155 6.94 16.88 9.65
CA SER A 155 6.95 17.80 10.79
C SER A 155 7.44 17.06 12.05
N MET A 156 7.02 15.83 12.21
CA MET A 156 7.48 15.04 13.36
C MET A 156 8.98 14.88 13.31
N ILE A 157 9.48 14.57 12.13
CA ILE A 157 10.89 14.34 12.01
C ILE A 157 11.65 15.63 12.24
N ARG A 158 11.11 16.75 11.74
CA ARG A 158 11.80 18.02 11.87
C ARG A 158 11.88 18.47 13.35
N SER A 159 10.91 18.13 14.19
CA SER A 159 10.95 18.60 15.57
C SER A 159 11.30 17.52 16.61
N CYS A 160 11.79 16.37 16.14
CA CYS A 160 12.08 15.26 17.02
C CYS A 160 13.06 15.69 18.10
N ASN A 161 12.75 15.33 19.34
CA ASN A 161 13.57 15.73 20.48
C ASN A 161 14.42 14.57 21.01
N PHE A 162 14.59 13.52 20.20
CA PHE A 162 15.29 12.32 20.62
C PHE A 162 16.52 12.13 19.73
N PRO A 163 17.68 12.63 20.17
CA PRO A 163 18.90 12.59 19.36
C PRO A 163 19.27 11.16 18.93
N GLU A 164 18.94 10.16 19.74
CA GLU A 164 19.29 8.79 19.42
C GLU A 164 18.55 8.22 18.23
N PHE A 165 17.48 8.89 17.82
CA PHE A 165 16.74 8.48 16.66
C PHE A 165 17.33 9.10 15.36
N SER A 166 18.37 9.92 15.49
CA SER A 166 18.87 10.71 14.32
C SER A 166 19.20 9.86 13.11
N TYR A 167 19.85 8.72 13.33
CA TYR A 167 20.23 7.84 12.23
C TYR A 167 19.13 7.56 11.21
N PHE A 168 17.92 7.29 11.70
CA PHE A 168 16.84 6.84 10.87
C PHE A 168 15.99 7.97 10.23
N MET A 169 16.25 9.21 10.64
CA MET A 169 15.38 10.37 10.25
C MET A 169 15.41 10.61 8.75
N LYS A 170 16.59 10.73 8.18
CA LYS A 170 16.67 10.90 6.71
C LYS A 170 16.25 9.68 5.96
N ILE A 171 16.40 8.49 6.55
CA ILE A 171 15.92 7.29 5.91
C ILE A 171 14.39 7.27 5.79
N VAL A 172 13.70 7.61 6.87
CA VAL A 172 12.25 7.66 6.82
C VAL A 172 11.82 8.80 5.88
N MET A 173 12.51 9.92 5.92
CA MET A 173 12.17 11.06 5.04
C MET A 173 12.31 10.64 3.59
N SER A 174 13.34 9.88 3.24
CA SER A 174 13.44 9.37 1.86
C SER A 174 12.30 8.44 1.43
N MET A 175 11.76 7.65 2.35
CA MET A 175 10.61 6.82 2.04
C MET A 175 9.43 7.74 1.70
N VAL A 176 9.30 8.85 2.42
CA VAL A 176 8.11 9.68 2.26
C VAL A 176 8.30 10.50 1.01
N ARG A 177 9.55 10.90 0.78
CA ARG A 177 9.90 11.74 -0.36
C ARG A 177 9.61 11.05 -1.67
N ASN A 178 9.90 9.76 -1.72
N ASN A 178 9.84 9.75 -1.73
CA ASN A 178 9.58 8.97 -2.88
CA ASN A 178 9.56 8.96 -2.93
C ASN A 178 8.10 9.12 -3.21
C ASN A 178 8.07 8.87 -3.23
N GLU A 179 7.26 8.99 -2.19
CA GLU A 179 5.80 9.03 -2.34
C GLU A 179 5.37 10.42 -2.79
N ILE A 180 5.97 11.45 -2.24
CA ILE A 180 5.64 12.82 -2.64
C ILE A 180 5.98 12.97 -4.12
N ALA A 181 7.13 12.47 -4.52
CA ALA A 181 7.60 12.59 -5.90
C ALA A 181 6.70 11.82 -6.84
N THR A 182 6.24 10.64 -6.45
CA THR A 182 5.30 9.87 -7.25
C THR A 182 4.03 10.70 -7.41
N CYS A 183 3.58 11.35 -6.33
CA CYS A 183 2.40 12.20 -6.40
C CYS A 183 2.62 13.39 -7.34
N ALA A 184 3.74 14.09 -7.19
CA ALA A 184 4.02 15.29 -7.97
C ALA A 184 4.04 14.96 -9.47
N GLU A 185 4.66 13.81 -9.81
CA GLU A 185 4.69 13.27 -11.19
C GLU A 185 3.31 13.10 -11.79
N LYS A 186 2.37 12.70 -10.95
CA LYS A 186 1.03 12.46 -11.42
C LYS A 186 0.24 13.76 -11.64
N VAL A 187 0.45 14.79 -10.82
CA VAL A 187 -0.51 15.90 -10.78
C VAL A 187 0.03 17.26 -11.21
N TYR A 188 1.31 17.31 -11.56
CA TYR A 188 1.97 18.48 -12.15
C TYR A 188 2.52 18.19 -13.55
N SER A 189 2.50 19.18 -14.43
CA SER A 189 3.27 19.10 -15.68
C SER A 189 4.59 19.84 -15.53
N GLU A 190 4.57 20.89 -14.74
CA GLU A 190 5.78 21.63 -14.50
C GLU A 190 5.74 22.30 -13.15
N ILE A 191 6.92 22.56 -12.61
CA ILE A 191 7.03 23.31 -11.39
C ILE A 191 8.41 23.94 -11.31
N PRO A 192 8.48 25.16 -10.78
CA PRO A 192 9.79 25.76 -10.59
C PRO A 192 10.67 24.87 -9.71
N LEU A 193 11.97 24.89 -9.97
CA LEU A 193 12.92 24.00 -9.31
C LEU A 193 12.86 24.28 -7.82
N SER A 194 12.76 25.56 -7.48
CA SER A 194 12.75 25.96 -6.08
C SER A 194 11.48 25.48 -5.38
N ASN A 195 10.33 25.56 -6.04
CA ASN A 195 9.10 25.05 -5.42
C ASN A 195 9.19 23.52 -5.28
N ALA A 196 9.89 22.84 -6.19
CA ALA A 196 10.03 21.39 -6.12
C ALA A 196 10.89 21.00 -4.91
N THR A 197 11.95 21.77 -4.66
CA THR A 197 12.85 21.51 -3.54
C THR A 197 12.08 21.58 -2.21
N SER A 198 11.27 22.62 -2.05
CA SER A 198 10.43 22.79 -0.85
C SER A 198 9.32 21.74 -0.71
N LEU A 199 8.65 21.43 -1.81
CA LEU A 199 7.62 20.40 -1.84
C LEU A 199 8.18 19.03 -1.41
N LEU A 200 9.41 18.77 -1.80
CA LEU A 200 10.02 17.47 -1.62
C LEU A 200 10.86 17.44 -0.33
N TYR A 201 10.81 18.49 0.47
CA TYR A 201 11.60 18.53 1.69
C TYR A 201 13.07 18.19 1.43
N LEU A 202 13.62 18.74 0.34
CA LEU A 202 15.03 18.56 0.04
C LEU A 202 15.83 19.74 0.55
N GLU A 203 17.15 19.55 0.67
CA GLU A 203 18.02 20.55 1.31
C GLU A 203 18.40 21.69 0.38
N ASN A 204 18.70 21.39 -0.88
CA ASN A 204 19.07 22.44 -1.82
C ASN A 204 18.70 22.13 -3.27
N THR A 205 18.99 23.08 -4.14
CA THR A 205 18.69 22.96 -5.56
C THR A 205 19.39 21.75 -6.17
N LYS A 206 20.55 21.37 -5.62
CA LYS A 206 21.36 20.32 -6.23
C LYS A 206 20.82 18.92 -5.95
N GLU A 207 20.30 18.71 -4.74
CA GLU A 207 19.71 17.42 -4.41
C GLU A 207 18.47 17.17 -5.27
N THR A 208 17.75 18.22 -5.59
CA THR A 208 16.57 18.12 -6.45
C THR A 208 16.95 17.72 -7.86
N GLU A 209 18.07 18.28 -8.33
CA GLU A 209 18.61 17.89 -9.61
C GLU A 209 18.94 16.39 -9.66
N LYS A 210 19.50 15.86 -8.58
CA LYS A 210 19.85 14.45 -8.54
C LYS A 210 18.60 13.58 -8.53
N LEU A 211 17.60 14.00 -7.76
CA LEU A 211 16.34 13.28 -7.68
C LEU A 211 15.68 13.31 -9.06
N ALA A 212 15.72 14.49 -9.67
CA ALA A 212 15.24 14.68 -11.04
C ALA A 212 15.85 13.64 -11.97
N GLU A 213 17.18 13.62 -12.02
CA GLU A 213 17.91 12.69 -12.87
C GLU A 213 17.45 11.27 -12.57
N GLU A 214 17.37 10.96 -11.28
CA GLU A 214 17.07 9.61 -10.83
C GLU A 214 15.69 9.16 -11.30
N ARG A 215 14.74 10.10 -11.36
CA ARG A 215 13.37 9.75 -11.72
C ARG A 215 13.03 10.08 -13.19
N GLY A 216 13.98 10.70 -13.88
CA GLY A 216 13.84 10.95 -15.30
C GLY A 216 13.20 12.28 -15.65
N TRP A 217 13.20 13.22 -14.72
CA TRP A 217 12.62 14.54 -15.00
C TRP A 217 13.62 15.37 -15.76
N ASP A 218 13.13 16.37 -16.47
CA ASP A 218 13.99 17.27 -17.21
C ASP A 218 13.98 18.63 -16.55
N ILE A 219 15.11 19.30 -16.57
CA ILE A 219 15.18 20.66 -16.04
C ILE A 219 15.73 21.64 -17.09
N ARG A 220 15.05 22.78 -17.20
CA ARG A 220 15.43 23.82 -18.15
C ARG A 220 15.06 25.20 -17.59
N ASP A 221 15.98 26.15 -17.70
CA ASP A 221 15.72 27.53 -17.27
C ASP A 221 15.17 27.57 -15.85
N GLY A 222 15.69 26.69 -15.00
CA GLY A 222 15.28 26.67 -13.60
C GLY A 222 13.85 26.16 -13.42
N VAL A 223 13.46 25.19 -14.24
CA VAL A 223 12.11 24.64 -14.18
C VAL A 223 12.15 23.14 -14.43
N ILE A 224 11.31 22.42 -13.69
CA ILE A 224 11.22 20.97 -13.85
C ILE A 224 10.03 20.65 -14.71
N TYR A 225 10.22 19.74 -15.67
CA TYR A 225 9.14 19.30 -16.54
C TYR A 225 9.02 17.82 -16.35
N PHE A 226 7.79 17.37 -16.13
CA PHE A 226 7.58 15.99 -15.75
C PHE A 226 7.28 15.20 -17.01
N PRO A 227 7.83 13.98 -17.12
CA PRO A 227 7.55 13.07 -18.23
C PRO A 227 6.06 13.02 -18.54
N ASP B 10 -36.54 -23.09 -26.71
CA ASP B 10 -35.26 -22.57 -27.17
C ASP B 10 -35.04 -21.14 -26.67
N LEU B 11 -33.99 -20.48 -27.16
CA LEU B 11 -33.60 -19.15 -26.63
C LEU B 11 -33.94 -17.97 -27.56
N ASN B 12 -34.68 -18.26 -28.62
CA ASN B 12 -35.06 -17.22 -29.53
C ASN B 12 -35.89 -16.15 -28.87
N HIS B 13 -36.82 -16.56 -28.02
CA HIS B 13 -37.71 -15.60 -27.35
C HIS B 13 -36.92 -14.74 -26.37
N LEU B 14 -36.06 -15.38 -25.57
CA LEU B 14 -35.19 -14.62 -24.66
C LEU B 14 -34.36 -13.60 -25.43
N ALA B 15 -33.80 -13.99 -26.59
CA ALA B 15 -33.01 -13.11 -27.44
C ALA B 15 -33.86 -11.90 -27.84
N ASP B 16 -35.11 -12.13 -28.22
CA ASP B 16 -36.05 -11.05 -28.58
C ASP B 16 -36.29 -10.10 -27.41
N LEU B 17 -36.57 -10.65 -26.23
CA LEU B 17 -36.79 -9.82 -25.03
C LEU B 17 -35.58 -8.98 -24.74
N TYR B 18 -34.40 -9.55 -24.90
CA TYR B 18 -33.15 -8.89 -24.61
C TYR B 18 -32.98 -7.73 -25.62
N ASP B 19 -33.24 -8.02 -26.88
CA ASP B 19 -33.11 -7.02 -27.95
C ASP B 19 -34.03 -5.81 -27.75
N ARG B 20 -35.21 -6.03 -27.18
CA ARG B 20 -36.19 -4.97 -26.79
C ARG B 20 -35.94 -4.33 -25.44
N LYS B 21 -34.88 -4.77 -24.75
CA LYS B 21 -34.53 -4.27 -23.42
C LYS B 21 -35.66 -4.42 -22.44
N ASP B 22 -36.45 -5.49 -22.58
CA ASP B 22 -37.50 -5.78 -21.63
C ASP B 22 -36.84 -6.59 -20.52
N TRP B 23 -36.14 -5.94 -19.63
CA TRP B 23 -35.39 -6.65 -18.58
C TRP B 23 -36.27 -7.45 -17.63
N ASN B 24 -37.43 -6.95 -17.24
CA ASN B 24 -38.34 -7.67 -16.35
C ASN B 24 -38.81 -8.99 -17.00
N ALA B 25 -39.15 -8.94 -18.29
CA ALA B 25 -39.52 -10.15 -19.03
C ALA B 25 -38.30 -11.05 -19.14
N CYS B 26 -37.11 -10.48 -19.37
CA CYS B 26 -35.92 -11.32 -19.46
C CYS B 26 -35.74 -12.13 -18.18
N LYS B 27 -35.94 -11.46 -17.03
CA LYS B 27 -35.68 -12.13 -15.76
C LYS B 27 -36.70 -13.24 -15.57
N LYS B 28 -37.94 -13.03 -15.99
CA LYS B 28 -39.00 -14.04 -15.87
C LYS B 28 -38.68 -15.23 -16.79
N GLU B 29 -38.13 -14.92 -17.96
CA GLU B 29 -37.80 -16.01 -18.89
C GLU B 29 -36.58 -16.76 -18.37
N LEU B 30 -35.61 -16.07 -17.79
CA LEU B 30 -34.44 -16.70 -17.20
C LEU B 30 -34.88 -17.66 -16.11
N LEU B 31 -35.87 -17.27 -15.30
CA LEU B 31 -36.34 -18.15 -14.21
C LEU B 31 -36.90 -19.41 -14.86
N LYS B 32 -37.76 -19.23 -15.85
CA LYS B 32 -38.40 -20.37 -16.55
C LYS B 32 -37.31 -21.32 -17.08
N LEU B 33 -36.30 -20.77 -17.73
CA LEU B 33 -35.25 -21.59 -18.33
C LEU B 33 -34.41 -22.28 -17.25
N LYS B 34 -34.09 -21.60 -16.17
CA LYS B 34 -33.29 -22.19 -15.10
C LYS B 34 -34.06 -23.36 -14.42
N VAL B 35 -35.36 -23.25 -14.34
CA VAL B 35 -36.21 -24.36 -13.77
C VAL B 35 -36.02 -25.55 -14.70
N GLU B 36 -36.03 -25.33 -16.02
CA GLU B 36 -35.80 -26.44 -16.98
C GLU B 36 -34.39 -27.04 -16.83
N LEU B 37 -33.36 -26.20 -16.66
CA LEU B 37 -31.98 -26.63 -16.42
C LEU B 37 -31.98 -27.53 -15.18
N ALA B 38 -32.68 -27.16 -14.14
CA ALA B 38 -32.62 -27.95 -12.92
C ALA B 38 -33.28 -29.30 -13.19
N LYS B 39 -34.39 -29.29 -13.89
CA LYS B 39 -35.10 -30.58 -14.18
C LYS B 39 -34.25 -31.55 -14.99
N GLN B 40 -33.35 -31.03 -15.83
CA GLN B 40 -32.45 -31.86 -16.66
C GLN B 40 -31.02 -32.00 -16.14
N ASN B 41 -30.74 -31.59 -14.90
CA ASN B 41 -29.40 -31.61 -14.37
C ASN B 41 -28.33 -30.92 -15.17
N LEU B 42 -28.63 -29.69 -15.61
CA LEU B 42 -27.74 -28.95 -16.50
C LEU B 42 -27.12 -27.68 -15.92
N PHE B 43 -27.22 -27.49 -14.62
CA PHE B 43 -26.52 -26.38 -14.01
C PHE B 43 -25.01 -26.55 -14.10
N VAL B 44 -24.50 -27.76 -14.02
CA VAL B 44 -23.07 -27.92 -14.20
C VAL B 44 -22.83 -28.52 -15.59
N PRO B 45 -21.67 -28.22 -16.14
CA PRO B 45 -21.45 -28.70 -17.50
C PRO B 45 -21.54 -30.22 -17.64
N THR B 46 -22.03 -30.62 -18.78
CA THR B 46 -22.22 -32.00 -19.19
C THR B 46 -21.46 -32.24 -20.50
N SER B 47 -21.01 -33.48 -20.73
CA SER B 47 -20.36 -33.86 -21.99
C SER B 47 -21.31 -33.87 -23.19
N ASP B 48 -22.61 -33.86 -22.94
CA ASP B 48 -23.61 -33.70 -24.01
C ASP B 48 -23.56 -32.26 -24.50
N LYS B 49 -22.89 -32.04 -25.63
CA LYS B 49 -22.59 -30.66 -26.07
C LYS B 49 -23.81 -29.86 -26.40
N GLU B 50 -24.88 -30.50 -26.88
CA GLU B 50 -26.08 -29.79 -27.27
C GLU B 50 -26.71 -29.17 -26.03
N LYS B 51 -26.76 -29.96 -24.98
CA LYS B 51 -27.40 -29.50 -23.73
C LYS B 51 -26.47 -28.55 -23.00
N ALA B 52 -25.16 -28.79 -23.03
CA ALA B 52 -24.17 -27.92 -22.37
C ALA B 52 -24.24 -26.55 -22.99
N SER B 53 -24.30 -26.51 -24.31
CA SER B 53 -24.39 -25.22 -25.01
C SER B 53 -25.65 -24.46 -24.61
N PHE B 54 -26.79 -25.12 -24.46
CA PHE B 54 -28.05 -24.48 -24.10
C PHE B 54 -27.90 -23.86 -22.69
N ALA B 55 -27.37 -24.64 -21.77
CA ALA B 55 -27.20 -24.17 -20.40
C ALA B 55 -26.23 -22.99 -20.35
N ARG B 56 -25.12 -23.12 -21.03
CA ARG B 56 -24.12 -22.06 -21.13
C ARG B 56 -24.82 -20.78 -21.62
N ASN B 57 -25.65 -20.93 -22.65
CA ASN B 57 -26.29 -19.77 -23.30
C ASN B 57 -27.27 -19.08 -22.34
N VAL B 58 -28.01 -19.85 -21.54
CA VAL B 58 -28.90 -19.33 -20.50
C VAL B 58 -28.06 -18.50 -19.53
N PHE B 59 -26.96 -19.01 -19.02
CA PHE B 59 -26.15 -18.29 -18.06
C PHE B 59 -25.51 -17.04 -18.67
N GLU B 60 -25.16 -17.09 -19.96
CA GLU B 60 -24.63 -15.90 -20.69
C GLU B 60 -25.67 -14.83 -20.65
N TYR B 61 -26.90 -15.10 -21.04
CA TYR B 61 -27.96 -14.10 -20.97
C TYR B 61 -28.11 -13.60 -19.53
N GLY B 62 -27.94 -14.49 -18.56
CA GLY B 62 -28.01 -14.04 -17.17
C GLY B 62 -26.95 -12.98 -16.86
N VAL B 63 -25.73 -13.21 -17.29
CA VAL B 63 -24.61 -12.26 -17.08
C VAL B 63 -25.08 -10.94 -17.71
N LEU B 64 -25.57 -11.02 -18.93
CA LEU B 64 -25.87 -9.75 -19.67
C LEU B 64 -27.05 -9.02 -19.05
N VAL B 65 -28.13 -9.69 -18.73
CA VAL B 65 -29.31 -9.07 -18.14
C VAL B 65 -28.93 -8.49 -16.78
N SER B 66 -28.05 -9.16 -16.04
CA SER B 66 -27.59 -8.68 -14.73
C SER B 66 -26.83 -7.40 -14.88
N ILE B 67 -25.91 -7.29 -15.84
CA ILE B 67 -25.18 -6.02 -15.98
C ILE B 67 -26.14 -4.92 -16.46
N GLN B 68 -27.10 -5.23 -17.33
CA GLN B 68 -28.04 -4.23 -17.85
C GLN B 68 -28.93 -3.61 -16.76
N THR B 69 -29.10 -4.33 -15.65
CA THR B 69 -29.97 -3.93 -14.58
C THR B 69 -29.15 -3.61 -13.31
N CYS B 70 -27.82 -3.58 -13.46
CA CYS B 70 -26.87 -3.21 -12.41
C CYS B 70 -27.06 -4.07 -11.16
N ASP B 71 -27.34 -5.36 -11.38
CA ASP B 71 -27.53 -6.32 -10.31
C ASP B 71 -26.26 -7.09 -10.19
N ILE B 72 -25.32 -6.60 -9.40
CA ILE B 72 -23.99 -7.13 -9.41
C ILE B 72 -23.92 -8.47 -8.66
N GLU B 73 -24.83 -8.66 -7.71
CA GLU B 73 -24.90 -9.94 -6.98
C GLU B 73 -25.24 -11.06 -8.00
N SER B 74 -26.23 -10.78 -8.82
CA SER B 74 -26.68 -11.76 -9.84
C SER B 74 -25.59 -11.89 -10.87
N PHE B 75 -25.00 -10.77 -11.32
CA PHE B 75 -23.89 -10.85 -12.23
C PHE B 75 -22.83 -11.83 -11.81
N ALA B 76 -22.41 -11.76 -10.56
CA ALA B 76 -21.27 -12.51 -10.10
C ALA B 76 -21.72 -13.99 -10.00
N ARG B 77 -22.98 -14.23 -9.68
CA ARG B 77 -23.46 -15.60 -9.59
C ARG B 77 -23.48 -16.22 -11.00
N TYR B 78 -24.09 -15.51 -11.95
CA TYR B 78 -24.11 -16.03 -13.32
C TYR B 78 -22.69 -16.19 -13.88
N ALA B 79 -21.77 -15.23 -13.64
CA ALA B 79 -20.42 -15.35 -14.11
C ALA B 79 -19.75 -16.64 -13.63
N SER B 80 -19.98 -16.96 -12.36
CA SER B 80 -19.39 -18.16 -11.78
C SER B 80 -20.00 -19.43 -12.38
N GLN B 81 -21.24 -19.35 -12.85
CA GLN B 81 -21.92 -20.48 -13.48
C GLN B 81 -21.49 -20.64 -14.92
N VAL B 82 -21.18 -19.54 -15.62
CA VAL B 82 -20.96 -19.65 -17.07
C VAL B 82 -19.52 -20.07 -17.41
N ILE B 83 -18.54 -19.55 -16.68
CA ILE B 83 -17.15 -19.76 -17.01
C ILE B 83 -16.79 -21.25 -17.06
N PRO B 84 -17.30 -22.06 -16.14
CA PRO B 84 -16.95 -23.49 -16.26
C PRO B 84 -17.33 -24.16 -17.59
N PHE B 85 -18.33 -23.61 -18.29
CA PHE B 85 -18.75 -24.14 -19.60
C PHE B 85 -17.70 -23.81 -20.67
N TYR B 86 -16.96 -22.73 -20.47
CA TYR B 86 -15.97 -22.25 -21.40
C TYR B 86 -14.72 -23.09 -21.27
N HIS B 87 -14.47 -23.63 -20.09
CA HIS B 87 -13.28 -24.45 -19.84
C HIS B 87 -13.60 -25.93 -20.12
N ASP B 88 -13.94 -26.19 -21.40
CA ASP B 88 -14.38 -27.44 -22.14
C ASP B 88 -14.38 -27.05 -23.68
N SER B 89 -15.11 -27.70 -24.60
CA SER B 89 -14.85 -27.51 -26.07
C SER B 89 -16.03 -27.21 -27.02
N LEU B 90 -16.90 -26.30 -26.59
CA LEU B 90 -18.13 -25.98 -27.31
C LEU B 90 -17.84 -24.87 -28.31
N VAL B 91 -18.69 -24.71 -29.32
CA VAL B 91 -18.47 -23.62 -30.28
C VAL B 91 -18.87 -22.34 -29.56
N PRO B 92 -17.97 -21.37 -29.50
CA PRO B 92 -18.37 -20.11 -28.82
C PRO B 92 -19.54 -19.40 -29.45
N SER B 93 -20.39 -18.82 -28.59
CA SER B 93 -21.51 -18.04 -29.05
C SER B 93 -21.02 -16.63 -29.37
N SER B 94 -21.93 -15.87 -29.91
CA SER B 94 -21.65 -14.48 -30.26
C SER B 94 -21.45 -13.64 -29.01
N ARG B 95 -21.88 -14.14 -27.85
CA ARG B 95 -21.68 -13.44 -26.56
C ARG B 95 -20.38 -13.69 -25.81
N MET B 96 -19.61 -14.71 -26.20
CA MET B 96 -18.50 -15.18 -25.39
C MET B 96 -17.47 -14.10 -25.13
N GLY B 97 -17.13 -13.30 -26.15
CA GLY B 97 -16.12 -12.28 -25.96
C GLY B 97 -16.62 -11.23 -24.96
N LEU B 98 -17.85 -10.82 -25.14
CA LEU B 98 -18.43 -9.80 -24.24
C LEU B 98 -18.51 -10.32 -22.81
N VAL B 99 -18.97 -11.57 -22.62
CA VAL B 99 -19.03 -12.12 -21.27
C VAL B 99 -17.67 -12.28 -20.62
N THR B 100 -16.68 -12.75 -21.38
CA THR B 100 -15.31 -12.88 -20.89
C THR B 100 -14.74 -11.52 -20.49
N GLY B 101 -14.91 -10.57 -21.38
CA GLY B 101 -14.58 -9.16 -21.14
C GLY B 101 -15.21 -8.62 -19.86
N LEU B 102 -16.51 -8.87 -19.70
CA LEU B 102 -17.24 -8.38 -18.53
C LEU B 102 -16.73 -8.97 -17.26
N ASN B 103 -16.38 -10.25 -17.28
CA ASN B 103 -15.88 -10.89 -16.10
C ASN B 103 -14.52 -10.31 -15.71
N LEU B 104 -13.66 -10.12 -16.70
CA LEU B 104 -12.36 -9.51 -16.44
C LEU B 104 -12.54 -8.10 -15.89
N LEU B 105 -13.39 -7.31 -16.54
CA LEU B 105 -13.63 -5.93 -16.08
C LEU B 105 -14.24 -5.84 -14.68
N TYR B 106 -15.12 -6.78 -14.34
CA TYR B 106 -15.60 -6.96 -12.97
C TYR B 106 -14.45 -7.11 -11.98
N LEU B 107 -13.55 -8.04 -12.25
CA LEU B 107 -12.42 -8.26 -11.36
C LEU B 107 -11.57 -6.99 -11.25
N LEU B 108 -11.33 -6.32 -12.37
CA LEU B 108 -10.60 -5.04 -12.33
C LEU B 108 -11.30 -4.00 -11.42
N SER B 109 -12.62 -3.85 -11.57
CA SER B 109 -13.40 -2.86 -10.81
C SER B 109 -13.38 -3.12 -9.31
N GLU B 110 -13.15 -4.36 -8.92
CA GLU B 110 -13.10 -4.75 -7.51
C GLU B 110 -11.64 -4.79 -7.03
N ASN B 111 -10.70 -4.38 -7.87
CA ASN B 111 -9.27 -4.47 -7.59
C ASN B 111 -8.82 -5.90 -7.21
N ARG B 112 -9.37 -6.90 -7.91
CA ARG B 112 -8.97 -8.30 -7.74
C ARG B 112 -8.00 -8.63 -8.87
N ILE B 113 -6.84 -7.98 -8.82
CA ILE B 113 -5.85 -8.02 -9.89
C ILE B 113 -5.22 -9.42 -10.06
N ALA B 114 -4.92 -10.10 -8.97
CA ALA B 114 -4.36 -11.45 -9.08
C ALA B 114 -5.36 -12.39 -9.73
N GLU B 115 -6.62 -12.26 -9.33
CA GLU B 115 -7.70 -13.08 -9.90
C GLU B 115 -7.90 -12.77 -11.38
N PHE B 116 -7.75 -11.49 -11.74
CA PHE B 116 -7.76 -11.04 -13.13
C PHE B 116 -6.70 -11.76 -13.96
N HIS B 117 -5.46 -11.78 -13.48
CA HIS B 117 -4.39 -12.41 -14.24
C HIS B 117 -4.53 -13.95 -14.23
N THR B 118 -4.97 -14.52 -13.13
CA THR B 118 -5.34 -15.93 -13.12
C THR B 118 -6.43 -16.23 -14.17
N ALA B 119 -7.44 -15.38 -14.28
CA ALA B 119 -8.48 -15.57 -15.29
C ALA B 119 -7.93 -15.55 -16.72
N LEU B 120 -6.98 -14.65 -16.99
CA LEU B 120 -6.36 -14.61 -18.32
C LEU B 120 -5.57 -15.89 -18.59
N GLU B 121 -4.87 -16.38 -17.58
CA GLU B 121 -4.05 -17.58 -17.68
C GLU B 121 -4.95 -18.77 -18.01
N SER B 122 -6.15 -18.76 -17.45
CA SER B 122 -7.09 -19.87 -17.58
C SER B 122 -7.86 -19.87 -18.90
N VAL B 123 -7.74 -18.79 -19.68
CA VAL B 123 -8.42 -18.71 -20.97
C VAL B 123 -7.79 -19.71 -21.94
N PRO B 124 -8.56 -20.73 -22.34
CA PRO B 124 -8.04 -21.82 -23.17
C PRO B 124 -7.28 -21.31 -24.39
N ASP B 125 -7.95 -20.50 -25.21
CA ASP B 125 -7.36 -19.97 -26.43
C ASP B 125 -6.83 -18.54 -26.22
N LYS B 126 -5.52 -18.39 -26.20
CA LYS B 126 -4.90 -17.10 -25.90
C LYS B 126 -5.01 -16.12 -27.06
N SER B 127 -5.32 -16.62 -28.25
CA SER B 127 -5.46 -15.72 -29.39
C SER B 127 -6.66 -14.79 -29.19
N LEU B 128 -7.57 -15.20 -28.31
CA LEU B 128 -8.71 -14.37 -27.92
C LEU B 128 -8.25 -12.95 -27.57
N PHE B 129 -7.09 -12.86 -26.91
CA PHE B 129 -6.57 -11.59 -26.40
C PHE B 129 -6.34 -10.54 -27.47
N GLU B 130 -6.16 -10.96 -28.72
CA GLU B 130 -6.00 -10.01 -29.82
C GLU B 130 -7.19 -10.03 -30.77
N ARG B 131 -7.80 -11.21 -30.94
CA ARG B 131 -8.90 -11.37 -31.88
C ARG B 131 -10.17 -10.71 -31.40
N ASP B 132 -10.47 -10.84 -30.11
CA ASP B 132 -11.79 -10.37 -29.64
C ASP B 132 -11.68 -8.97 -29.09
N PRO B 133 -12.48 -8.05 -29.63
CA PRO B 133 -12.34 -6.64 -29.28
C PRO B 133 -12.67 -6.33 -27.84
N TYR B 134 -13.62 -7.08 -27.27
CA TYR B 134 -13.96 -6.80 -25.88
C TYR B 134 -12.83 -7.21 -24.95
N VAL B 135 -12.26 -8.40 -25.15
CA VAL B 135 -11.21 -8.89 -24.29
C VAL B 135 -9.95 -8.04 -24.44
N GLU B 136 -9.66 -7.65 -25.67
CA GLU B 136 -8.49 -6.84 -26.01
C GLU B 136 -8.58 -5.50 -25.28
N TRP B 137 -9.78 -4.94 -25.27
CA TRP B 137 -10.02 -3.60 -24.70
C TRP B 137 -9.76 -3.66 -23.21
N VAL B 138 -10.32 -4.68 -22.55
CA VAL B 138 -10.13 -4.84 -21.13
C VAL B 138 -8.70 -5.15 -20.71
N ILE B 139 -7.97 -5.93 -21.51
CA ILE B 139 -6.58 -6.20 -21.23
C ILE B 139 -5.79 -4.89 -21.29
N SER B 140 -6.06 -4.07 -22.29
CA SER B 140 -5.35 -2.77 -22.46
C SER B 140 -5.72 -1.83 -21.30
N LEU B 141 -7.02 -1.72 -20.97
CA LEU B 141 -7.40 -0.92 -19.80
C LEU B 141 -6.62 -1.34 -18.54
N GLU B 142 -6.56 -2.65 -18.28
CA GLU B 142 -5.86 -3.12 -17.08
C GLU B 142 -4.37 -2.77 -17.11
N GLN B 143 -3.73 -2.91 -18.26
CA GLN B 143 -2.33 -2.54 -18.41
C GLN B 143 -2.15 -1.04 -18.16
N ASN B 144 -3.04 -0.22 -18.72
CA ASN B 144 -2.90 1.22 -18.59
C ASN B 144 -3.11 1.66 -17.15
N VAL B 145 -4.02 0.98 -16.44
CA VAL B 145 -4.26 1.30 -15.02
C VAL B 145 -3.01 0.98 -14.21
N MET B 146 -2.46 -0.21 -14.37
N MET B 146 -2.48 -0.22 -14.39
N MET B 146 -2.49 -0.22 -14.40
CA MET B 146 -1.34 -0.64 -13.55
CA MET B 146 -1.33 -0.69 -13.61
CA MET B 146 -1.33 -0.70 -13.63
C MET B 146 -0.04 0.09 -13.91
C MET B 146 -0.09 0.18 -13.87
C MET B 146 -0.08 0.14 -13.89
N GLU B 147 0.04 0.68 -15.09
CA GLU B 147 1.19 1.49 -15.46
C GLU B 147 0.99 2.95 -15.08
N GLY B 148 -0.21 3.29 -14.61
CA GLY B 148 -0.52 4.66 -14.25
C GLY B 148 -0.61 5.60 -15.44
N ALA B 149 -0.92 5.04 -16.60
CA ALA B 149 -1.18 5.83 -17.78
C ALA B 149 -2.63 6.32 -17.73
N PHE B 150 -2.91 7.20 -16.77
CA PHE B 150 -4.26 7.67 -16.55
C PHE B 150 -4.87 8.51 -17.68
N ASP B 151 -4.06 9.24 -18.44
CA ASP B 151 -4.56 9.86 -19.68
C ASP B 151 -5.19 8.80 -20.60
N LYS B 152 -4.51 7.67 -20.78
CA LYS B 152 -5.01 6.66 -21.71
C LYS B 152 -6.23 5.96 -21.12
N VAL B 153 -6.20 5.67 -19.84
CA VAL B 153 -7.40 5.16 -19.15
C VAL B 153 -8.62 6.05 -19.38
N ALA B 154 -8.43 7.36 -19.16
CA ALA B 154 -9.51 8.27 -19.32
C ALA B 154 -9.98 8.34 -20.76
N SER B 155 -9.03 8.35 -21.69
CA SER B 155 -9.37 8.41 -23.11
C SER B 155 -10.10 7.15 -23.56
N MET B 156 -9.64 6.02 -23.06
CA MET B 156 -10.29 4.74 -23.38
C MET B 156 -11.73 4.72 -22.85
N ILE B 157 -11.90 5.15 -21.60
CA ILE B 157 -13.24 5.18 -21.01
C ILE B 157 -14.19 6.22 -21.65
N ARG B 158 -13.65 7.35 -22.08
N ARG B 158 -13.66 7.37 -22.06
CA ARG B 158 -14.45 8.38 -22.74
CA ARG B 158 -14.46 8.39 -22.74
C ARG B 158 -14.95 7.92 -24.09
C ARG B 158 -14.94 7.94 -24.10
N SER B 159 -14.09 7.21 -24.81
CA SER B 159 -14.37 6.82 -26.19
C SER B 159 -14.84 5.38 -26.30
N CYS B 160 -15.06 4.72 -25.18
CA CYS B 160 -15.48 3.33 -25.23
C CYS B 160 -16.77 3.17 -26.04
N ASN B 161 -16.77 2.26 -27.02
CA ASN B 161 -17.95 1.98 -27.85
C ASN B 161 -18.79 0.79 -27.35
N PHE B 162 -18.42 0.23 -26.20
CA PHE B 162 -19.09 -0.93 -25.60
C PHE B 162 -19.95 -0.50 -24.43
N PRO B 163 -21.23 -0.23 -24.68
CA PRO B 163 -22.16 0.27 -23.66
C PRO B 163 -22.23 -0.63 -22.42
N GLU B 164 -22.07 -1.93 -22.61
CA GLU B 164 -22.22 -2.86 -21.51
C GLU B 164 -21.15 -2.72 -20.45
N PHE B 165 -20.03 -2.10 -20.83
CA PHE B 165 -18.93 -1.85 -19.93
C PHE B 165 -19.14 -0.58 -19.04
N SER B 166 -20.20 0.19 -19.30
CA SER B 166 -20.38 1.50 -18.63
C SER B 166 -20.33 1.40 -17.11
N TYR B 167 -21.14 0.51 -16.54
CA TYR B 167 -21.18 0.36 -15.09
C TYR B 167 -19.81 0.13 -14.44
N PHE B 168 -19.05 -0.85 -14.93
CA PHE B 168 -17.77 -1.12 -14.32
C PHE B 168 -16.71 -0.06 -14.65
N MET B 169 -16.76 0.50 -15.85
CA MET B 169 -15.75 1.47 -16.27
C MET B 169 -15.87 2.67 -15.34
N LYS B 170 -17.08 3.02 -14.93
CA LYS B 170 -17.24 4.18 -14.02
C LYS B 170 -16.60 3.95 -12.65
N ILE B 171 -16.68 2.71 -12.16
CA ILE B 171 -16.03 2.34 -10.94
C ILE B 171 -14.52 2.44 -11.11
N VAL B 172 -13.98 1.97 -12.24
CA VAL B 172 -12.54 2.03 -12.45
C VAL B 172 -12.13 3.52 -12.46
N MET B 173 -12.91 4.33 -13.14
CA MET B 173 -12.53 5.76 -13.32
C MET B 173 -12.60 6.44 -11.97
N SER B 174 -13.57 6.09 -11.15
CA SER B 174 -13.68 6.64 -9.78
C SER B 174 -12.45 6.29 -8.93
N MET B 175 -11.97 5.06 -9.07
N MET B 175 -11.98 5.05 -9.05
CA MET B 175 -10.76 4.63 -8.38
CA MET B 175 -10.77 4.64 -8.35
C MET B 175 -9.53 5.42 -8.81
C MET B 175 -9.57 5.49 -8.81
N VAL B 176 -9.36 5.63 -10.13
CA VAL B 176 -8.26 6.43 -10.67
C VAL B 176 -8.39 7.89 -10.15
N ARG B 177 -9.60 8.43 -10.20
CA ARG B 177 -9.85 9.82 -9.83
C ARG B 177 -9.56 10.04 -8.35
N ASN B 178 -9.95 9.09 -7.52
N ASN B 178 -9.98 9.11 -7.48
CA ASN B 178 -9.69 9.21 -6.10
CA ASN B 178 -9.61 9.19 -6.04
C ASN B 178 -8.20 9.14 -5.77
C ASN B 178 -8.14 9.21 -5.80
N GLU B 179 -7.41 8.40 -6.56
CA GLU B 179 -5.98 8.35 -6.40
C GLU B 179 -5.34 9.69 -6.79
N ILE B 180 -5.86 10.28 -7.87
CA ILE B 180 -5.32 11.56 -8.31
C ILE B 180 -5.69 12.61 -7.28
N ALA B 181 -6.91 12.56 -6.80
CA ALA B 181 -7.45 13.57 -5.86
C ALA B 181 -6.64 13.53 -4.57
N THR B 182 -6.34 12.30 -4.15
CA THR B 182 -5.56 12.10 -2.93
C THR B 182 -4.13 12.65 -3.09
N CYS B 183 -3.45 12.43 -4.23
CA CYS B 183 -2.17 13.06 -4.47
C CYS B 183 -2.30 14.58 -4.49
N ALA B 184 -3.29 15.09 -5.20
CA ALA B 184 -3.41 16.53 -5.38
C ALA B 184 -3.56 17.29 -4.05
N GLU B 185 -4.41 16.78 -3.16
CA GLU B 185 -4.70 17.49 -1.91
C GLU B 185 -3.45 17.53 -1.02
N LYS B 186 -2.47 16.69 -1.29
CA LYS B 186 -1.23 16.70 -0.53
C LYS B 186 -0.15 17.59 -1.12
N VAL B 187 -0.04 17.66 -2.44
CA VAL B 187 1.08 18.36 -3.04
C VAL B 187 0.73 19.72 -3.63
N TYR B 188 -0.55 20.12 -3.53
CA TYR B 188 -1.00 21.49 -3.83
C TYR B 188 -1.55 22.13 -2.57
N SER B 189 -1.42 23.44 -2.44
CA SER B 189 -2.18 24.14 -1.43
C SER B 189 -3.43 24.78 -1.99
N GLU B 190 -3.43 25.05 -3.31
CA GLU B 190 -4.60 25.53 -4.00
C GLU B 190 -4.44 25.21 -5.50
N ILE B 191 -5.56 25.21 -6.19
CA ILE B 191 -5.58 25.01 -7.65
C ILE B 191 -6.84 25.61 -8.22
N PRO B 192 -6.74 26.25 -9.40
CA PRO B 192 -8.00 26.72 -9.97
C PRO B 192 -8.92 25.58 -10.38
N LEU B 193 -10.19 25.86 -10.38
CA LEU B 193 -11.20 24.88 -10.67
C LEU B 193 -11.03 24.30 -12.06
N SER B 194 -10.75 25.14 -13.04
CA SER B 194 -10.51 24.62 -14.40
C SER B 194 -9.36 23.62 -14.46
N ASN B 195 -8.19 23.94 -13.92
CA ASN B 195 -7.07 23.04 -13.88
C ASN B 195 -7.40 21.74 -13.14
N ALA B 196 -8.18 21.85 -12.07
CA ALA B 196 -8.50 20.65 -11.31
C ALA B 196 -9.43 19.75 -12.10
N THR B 197 -10.32 20.34 -12.87
CA THR B 197 -11.26 19.58 -13.69
C THR B 197 -10.45 18.76 -14.72
N SER B 198 -9.48 19.39 -15.41
N SER B 198 -9.45 19.39 -15.34
CA SER B 198 -8.62 18.64 -16.33
CA SER B 198 -8.58 18.72 -16.33
C SER B 198 -7.91 17.53 -15.62
C SER B 198 -7.69 17.64 -15.73
N LEU B 199 -7.24 17.88 -14.50
CA LEU B 199 -6.39 16.93 -13.76
C LEU B 199 -7.17 15.68 -13.41
N LEU B 200 -8.42 15.88 -12.99
CA LEU B 200 -9.26 14.81 -12.46
C LEU B 200 -10.06 14.11 -13.58
N TYR B 201 -9.84 14.49 -14.84
CA TYR B 201 -10.60 13.94 -15.98
C TYR B 201 -12.10 14.03 -15.74
N LEU B 202 -12.58 15.18 -15.24
CA LEU B 202 -13.96 15.42 -15.08
C LEU B 202 -14.44 16.23 -16.28
N GLU B 203 -15.75 16.21 -16.51
CA GLU B 203 -16.22 16.74 -17.78
C GLU B 203 -16.38 18.23 -17.77
N ASN B 204 -16.62 18.80 -16.60
CA ASN B 204 -16.83 20.24 -16.47
C ASN B 204 -16.67 20.65 -15.01
N THR B 205 -16.64 21.95 -14.74
CA THR B 205 -16.27 22.41 -13.40
C THR B 205 -17.38 22.13 -12.38
N LYS B 206 -18.59 21.92 -12.88
N LYS B 206 -18.64 21.98 -12.82
CA LYS B 206 -19.73 21.67 -12.06
CA LYS B 206 -19.69 21.64 -11.87
C LYS B 206 -19.56 20.27 -11.43
C LYS B 206 -19.43 20.23 -11.33
N GLU B 207 -18.99 19.32 -12.20
CA GLU B 207 -18.62 18.00 -11.68
C GLU B 207 -17.54 18.09 -10.61
N THR B 208 -16.57 18.97 -10.80
CA THR B 208 -15.51 19.14 -9.88
C THR B 208 -16.04 19.71 -8.54
N GLU B 209 -16.98 20.63 -8.60
CA GLU B 209 -17.59 21.21 -7.40
C GLU B 209 -18.21 20.09 -6.57
N LYS B 210 -18.85 19.15 -7.25
CA LYS B 210 -19.45 18.00 -6.51
C LYS B 210 -18.40 17.18 -5.83
N LEU B 211 -17.31 16.84 -6.50
CA LEU B 211 -16.24 16.08 -5.90
C LEU B 211 -15.58 16.84 -4.75
N ALA B 212 -15.42 18.15 -4.94
CA ALA B 212 -14.84 18.95 -3.88
C ALA B 212 -15.68 18.86 -2.59
N GLU B 213 -17.00 18.92 -2.75
CA GLU B 213 -17.88 18.85 -1.59
C GLU B 213 -17.70 17.47 -0.95
N GLU B 214 -17.69 16.43 -1.77
CA GLU B 214 -17.53 15.07 -1.23
C GLU B 214 -16.26 14.93 -0.38
N ARG B 215 -15.16 15.52 -0.85
CA ARG B 215 -13.85 15.42 -0.23
C ARG B 215 -13.52 16.44 0.87
N GLY B 216 -14.41 17.38 1.12
CA GLY B 216 -14.17 18.43 2.10
C GLY B 216 -13.27 19.57 1.68
N TRP B 217 -13.17 19.78 0.38
CA TRP B 217 -12.37 20.89 -0.15
C TRP B 217 -13.19 22.16 -0.19
N ASP B 218 -12.60 23.27 0.22
CA ASP B 218 -13.29 24.53 0.08
C ASP B 218 -12.98 25.22 -1.25
N ILE B 219 -13.98 25.86 -1.84
CA ILE B 219 -13.85 26.58 -3.08
C ILE B 219 -14.27 28.03 -2.81
N ARG B 220 -13.43 28.95 -3.24
CA ARG B 220 -13.72 30.38 -3.15
C ARG B 220 -13.25 31.06 -4.44
N ASP B 221 -14.16 31.80 -5.06
CA ASP B 221 -13.85 32.53 -6.31
C ASP B 221 -13.11 31.70 -7.34
N GLY B 222 -13.62 30.49 -7.55
CA GLY B 222 -13.11 29.60 -8.59
C GLY B 222 -11.78 28.92 -8.31
N VAL B 223 -11.39 28.90 -7.04
CA VAL B 223 -10.14 28.29 -6.63
C VAL B 223 -10.43 27.28 -5.53
N ILE B 224 -9.84 26.11 -5.67
CA ILE B 224 -9.96 25.09 -4.64
C ILE B 224 -8.78 25.24 -3.69
N TYR B 225 -9.06 25.15 -2.38
CA TYR B 225 -8.10 25.28 -1.33
C TYR B 225 -8.08 23.95 -0.59
N PHE B 226 -6.90 23.41 -0.43
CA PHE B 226 -6.81 22.06 0.15
C PHE B 226 -6.58 22.19 1.63
N PRO B 227 -7.29 21.36 2.44
CA PRO B 227 -7.18 21.43 3.91
C PRO B 227 -5.74 21.22 4.28
N LYS B 228 -5.17 22.04 5.16
CA LYS B 228 -3.77 21.85 5.58
C LYS B 228 -3.58 21.86 7.10
N GLU B 229 -2.32 22.06 7.49
CA GLU B 229 -1.83 22.01 8.87
C GLU B 229 -2.81 21.46 9.90
#